data_3EYS
#
_entry.id   3EYS
#
_cell.length_a   41.656
_cell.length_b   42.677
_cell.length_c   58.630
_cell.angle_alpha   96.140
_cell.angle_beta   93.830
_cell.angle_gamma   91.730
#
_symmetry.space_group_name_H-M   'P 1'
#
loop_
_entity.id
_entity.type
_entity.pdbx_description
1 polymer 'If kappa light chain'
2 polymer 'PFA1 Fab Heavy Chain'
3 polymer 'pyro-Glu3-A-Beta (3-8) peptide'
4 non-polymer GLYCEROL
5 water water
#
loop_
_entity_poly.entity_id
_entity_poly.type
_entity_poly.pdbx_seq_one_letter_code
_entity_poly.pdbx_strand_id
1 'polypeptide(L)'
;DVLMTQTPLSLPVSLGDQASISCRSSQSIVHSNGNTYLEWYLQKPGQSPKLLIYKVSNRFSGVPDRFSGSGSGTDFTLKI
SRVEAEDLGVYYCFQGSHVPLTFGAGTKLELKRADAAPTVSIFPPSSEQLTSGGASVVCFLNNFYPKDINVKWKIDGSER
QNGVLNSWTDQDSKDSTYSMSSTLTLTKDEYERHNSYTCEATHKTSTSPIVKSFNRNE(YCM)
;
L
2 'polypeptide(L)'
;AVTLKESGPGILKPSQTLSLTCSFSGFSLSTSGMGVGWIRQPSGKGLEWLAHIWWDDDRSYNPSLKSQLTISKDAARNQV
FLRITSVDTADTATYYCVRRAHTTVLGDWFAYWGQGTLVTVSAAKTTAPSVYPLAPVCGGTTGSSVTLGCLVKGYFPEPV
TLTWNSGSLSSGVHTFPAVLQSDLYTLSSSVTVTSSTWPSQSITCNVAHPASSTKVDKKIEPR
;
H
3 'polypeptide(L)' (PCA)FRHDS Q
#
loop_
_chem_comp.id
_chem_comp.type
_chem_comp.name
_chem_comp.formula
GOL non-polymer GLYCEROL 'C3 H8 O3'
#
# COMPACT_ATOMS: atom_id res chain seq x y z
N ASP A 1 12.13 12.41 17.42
CA ASP A 1 12.00 10.94 17.26
C ASP A 1 13.23 10.38 16.61
N VAL A 2 13.50 9.10 16.82
CA VAL A 2 14.63 8.48 16.19
C VAL A 2 14.24 8.07 14.79
N LEU A 3 14.89 8.69 13.82
CA LEU A 3 14.61 8.45 12.43
C LEU A 3 15.48 7.27 12.02
N MET A 4 14.85 6.32 11.36
CA MET A 4 15.50 5.10 10.90
C MET A 4 15.56 5.15 9.39
N THR A 5 16.76 5.31 8.84
CA THR A 5 16.92 5.53 7.41
C THR A 5 17.39 4.25 6.75
N GLN A 6 16.56 3.70 5.88
CA GLN A 6 16.94 2.51 5.13
C GLN A 6 17.48 2.86 3.75
N THR A 7 18.54 2.16 3.36
CA THR A 7 19.18 2.33 2.05
C THR A 7 19.43 0.96 1.43
N PRO A 8 18.90 0.72 0.22
CA PRO A 8 18.02 1.56 -0.60
C PRO A 8 16.58 1.37 -0.17
N LEU A 9 15.65 2.11 -0.76
CA LEU A 9 14.24 1.86 -0.48
C LEU A 9 13.69 0.82 -1.43
N SER A 10 14.38 0.61 -2.54
CA SER A 10 14.04 -0.46 -3.46
C SER A 10 15.32 -1.19 -3.88
N LEU A 11 15.28 -2.52 -3.88
CA LEU A 11 16.48 -3.30 -4.17
C LEU A 11 16.19 -4.47 -5.14
N PRO A 12 16.54 -4.28 -6.43
CA PRO A 12 16.39 -5.30 -7.46
C PRO A 12 17.43 -6.37 -7.26
N VAL A 13 17.02 -7.64 -7.29
CA VAL A 13 17.96 -8.73 -7.19
C VAL A 13 17.50 -9.85 -8.10
N SER A 14 18.42 -10.74 -8.47
CA SER A 14 18.05 -12.02 -9.05
C SER A 14 18.14 -13.08 -7.96
N LEU A 15 17.33 -14.13 -8.08
CA LEU A 15 17.38 -15.23 -7.11
C LEU A 15 18.78 -15.83 -7.12
N GLY A 16 19.35 -16.03 -5.94
CA GLY A 16 20.75 -16.48 -5.82
C GLY A 16 21.75 -15.40 -5.44
N ASP A 17 21.42 -14.14 -5.74
CA ASP A 17 22.28 -13.00 -5.44
C ASP A 17 22.41 -12.82 -3.94
N GLN A 18 23.52 -12.23 -3.53
CA GLN A 18 23.68 -11.77 -2.17
C GLN A 18 22.96 -10.43 -2.11
N ALA A 19 22.40 -10.10 -0.94
CA ALA A 19 21.67 -8.83 -0.78
C ALA A 19 21.91 -8.16 0.57
N SER A 20 22.16 -6.85 0.54
CA SER A 20 22.44 -6.09 1.75
C SER A 20 21.57 -4.86 1.85
N ILE A 21 21.00 -4.64 3.04
CA ILE A 21 20.17 -3.45 3.34
C ILE A 21 20.71 -2.70 4.57
N SER A 22 20.99 -1.41 4.41
CA SER A 22 21.55 -0.61 5.47
C SER A 22 20.44 0.10 6.22
N CYS A 23 20.56 0.13 7.53
CA CYS A 23 19.67 0.89 8.37
C CYS A 23 20.51 1.76 9.30
N ARG A 24 20.27 3.07 9.25
CA ARG A 24 20.96 4.04 10.09
C ARG A 24 20.00 4.81 10.99
N SER A 25 20.33 4.94 12.26
CA SER A 25 19.49 5.68 13.20
C SER A 25 20.03 7.08 13.44
N SER A 26 19.15 8.03 13.73
CA SER A 26 19.57 9.42 13.92
C SER A 26 20.21 9.66 15.29
N GLN A 27 19.92 8.79 16.25
CA GLN A 27 20.66 8.71 17.52
C GLN A 27 20.97 7.27 17.91
N SER A 28 21.78 7.10 18.97
CA SER A 28 22.13 5.78 19.49
C SER A 28 20.91 4.95 19.90
N ILE A 29 20.91 3.67 19.52
CA ILE A 29 19.85 2.72 19.83
C ILE A 29 20.15 1.90 21.09
N VAL A 30 21.31 2.15 21.71
CA VAL A 30 21.72 1.41 22.91
C VAL A 30 20.86 1.89 24.06
N HIS A 31 20.20 0.94 24.74
CA HIS A 31 19.36 1.27 25.89
C HIS A 31 20.29 1.49 27.08
N SER A 32 19.77 2.14 28.12
CA SER A 32 20.54 2.36 29.34
C SER A 32 20.95 1.02 29.98
N ASN A 33 20.13 -0.02 29.79
CA ASN A 33 20.47 -1.38 30.24
C ASN A 33 21.58 -2.07 29.46
N GLY A 34 22.02 -1.45 28.36
CA GLY A 34 23.16 -1.96 27.59
C GLY A 34 22.83 -2.75 26.34
N ASN A 35 21.56 -3.11 26.18
CA ASN A 35 21.10 -3.78 24.95
C ASN A 35 20.78 -2.79 23.85
N THR A 36 20.93 -3.24 22.61
CA THR A 36 20.58 -2.45 21.43
C THR A 36 19.32 -3.09 20.81
N TYR A 37 18.16 -2.46 20.99
CA TYR A 37 16.92 -3.07 20.52
C TYR A 37 16.66 -2.67 19.07
N LEU A 38 17.48 -3.24 18.19
CA LEU A 38 17.32 -3.09 16.75
C LEU A 38 16.77 -4.41 16.20
N GLU A 39 15.68 -4.30 15.47
CA GLU A 39 14.97 -5.46 14.95
C GLU A 39 14.73 -5.28 13.46
N TRP A 40 14.66 -6.40 12.75
CA TRP A 40 14.32 -6.43 11.32
C TRP A 40 13.08 -7.27 11.10
N TYR A 41 12.15 -6.73 10.31
CA TYR A 41 10.89 -7.38 10.02
C TYR A 41 10.74 -7.58 8.54
N LEU A 42 10.09 -8.67 8.15
CA LEU A 42 9.72 -8.95 6.77
C LEU A 42 8.19 -9.03 6.69
N GLN A 43 7.64 -8.28 5.73
CA GLN A 43 6.23 -8.34 5.42
C GLN A 43 6.07 -8.75 3.97
N LYS A 44 5.56 -9.97 3.78
CA LYS A 44 5.28 -10.48 2.44
C LYS A 44 3.90 -9.98 2.05
N PRO A 45 3.66 -9.72 0.75
CA PRO A 45 2.36 -9.20 0.32
C PRO A 45 1.16 -9.91 0.97
N GLY A 46 0.19 -9.14 1.46
CA GLY A 46 -1.04 -9.67 2.02
C GLY A 46 -0.93 -10.33 3.40
N GLN A 47 0.26 -10.27 3.99
CA GLN A 47 0.52 -10.90 5.29
C GLN A 47 0.95 -9.85 6.31
N SER A 48 0.82 -10.17 7.58
CA SER A 48 1.36 -9.34 8.65
C SER A 48 2.91 -9.42 8.66
N PRO A 49 3.60 -8.41 9.23
CA PRO A 49 5.04 -8.48 9.38
C PRO A 49 5.50 -9.63 10.26
N LYS A 50 6.68 -10.16 9.93
CA LYS A 50 7.30 -11.30 10.62
C LYS A 50 8.64 -10.90 11.21
N LEU A 51 8.88 -11.24 12.47
CA LEU A 51 10.20 -10.98 13.07
C LEU A 51 11.27 -11.84 12.42
N LEU A 52 12.37 -11.23 11.98
CA LEU A 52 13.51 -12.01 11.47
C LEU A 52 14.67 -12.01 12.44
N ILE A 53 14.99 -10.80 12.91
CA ILE A 53 16.20 -10.57 13.71
C ILE A 53 15.86 -9.62 14.85
N TYR A 54 16.38 -9.92 16.05
CA TYR A 54 16.25 -8.99 17.18
C TYR A 54 17.63 -8.70 17.79
N LYS A 55 17.73 -7.56 18.47
CA LYS A 55 18.92 -7.15 19.16
C LYS A 55 20.14 -7.23 18.24
N VAL A 56 19.98 -6.63 17.06
CA VAL A 56 21.02 -6.45 16.05
C VAL A 56 21.29 -7.72 15.22
N SER A 57 21.51 -8.84 15.90
CA SER A 57 22.11 -10.03 15.27
C SER A 57 21.55 -11.37 15.73
N ASN A 58 20.51 -11.37 16.57
CA ASN A 58 19.86 -12.61 16.92
C ASN A 58 18.79 -13.04 15.92
N ARG A 59 18.96 -14.19 15.28
CA ARG A 59 17.91 -14.72 14.39
C ARG A 59 16.78 -15.29 15.23
N PHE A 60 15.55 -14.98 14.86
CA PHE A 60 14.41 -15.52 15.56
C PHE A 60 14.23 -17.01 15.18
N SER A 61 13.58 -17.76 16.06
CA SER A 61 13.33 -19.20 15.89
C SER A 61 12.69 -19.46 14.54
N GLY A 62 13.23 -20.43 13.81
CA GLY A 62 12.68 -20.81 12.52
C GLY A 62 13.19 -20.02 11.33
N VAL A 63 13.83 -18.87 11.56
CA VAL A 63 14.41 -18.03 10.49
C VAL A 63 15.65 -18.69 9.86
N PRO A 64 15.67 -18.83 8.53
CA PRO A 64 16.80 -19.41 7.77
C PRO A 64 18.13 -18.71 8.05
N ASP A 65 19.24 -19.46 8.10
CA ASP A 65 20.54 -18.86 8.41
C ASP A 65 21.12 -18.05 7.26
N ARG A 66 20.44 -18.03 6.12
CA ARG A 66 20.85 -17.08 5.09
C ARG A 66 20.65 -15.62 5.49
N PHE A 67 19.80 -15.35 6.48
CA PHE A 67 19.63 -13.98 7.03
C PHE A 67 20.63 -13.75 8.17
N SER A 68 21.31 -12.62 8.15
CA SER A 68 22.11 -12.22 9.31
C SER A 68 22.00 -10.72 9.47
N GLY A 69 22.15 -10.26 10.70
CA GLY A 69 22.17 -8.82 10.95
C GLY A 69 23.48 -8.50 11.66
N SER A 70 24.02 -7.32 11.39
CA SER A 70 25.23 -6.86 12.05
C SER A 70 25.13 -5.35 12.27
N GLY A 71 26.15 -4.79 12.91
CA GLY A 71 26.23 -3.34 13.13
C GLY A 71 26.36 -2.94 14.59
N SER A 72 26.39 -1.64 14.85
CA SER A 72 26.37 -1.14 16.21
C SER A 72 26.14 0.33 16.19
N GLY A 73 25.46 0.82 17.23
CA GLY A 73 25.40 2.25 17.50
C GLY A 73 24.26 2.89 16.77
N THR A 74 24.57 3.47 15.61
CA THR A 74 23.57 4.04 14.74
C THR A 74 23.61 3.40 13.35
N ASP A 75 24.43 2.37 13.18
CA ASP A 75 24.73 1.84 11.83
C ASP A 75 24.58 0.33 11.74
N PHE A 76 23.52 -0.11 11.04
CA PHE A 76 23.11 -1.54 11.02
C PHE A 76 22.88 -2.06 9.61
N THR A 77 23.10 -3.36 9.42
CA THR A 77 22.92 -4.00 8.11
C THR A 77 22.23 -5.36 8.21
N LEU A 78 21.26 -5.60 7.33
CA LEU A 78 20.71 -6.94 7.09
C LEU A 78 21.34 -7.49 5.83
N LYS A 79 21.81 -8.74 5.89
CA LYS A 79 22.35 -9.43 4.72
C LYS A 79 21.62 -10.73 4.46
N ILE A 80 21.34 -10.98 3.20
CA ILE A 80 20.81 -12.26 2.75
C ILE A 80 21.90 -12.87 1.87
N SER A 81 22.38 -14.05 2.25
CA SER A 81 23.53 -14.63 1.59
C SER A 81 23.18 -15.10 0.17
N ARG A 82 21.96 -15.58 0.01
CA ARG A 82 21.45 -16.06 -1.27
C ARG A 82 19.96 -15.86 -1.23
N VAL A 83 19.47 -14.91 -2.01
CA VAL A 83 18.04 -14.58 -2.01
C VAL A 83 17.25 -15.69 -2.64
N GLU A 84 16.19 -16.09 -1.94
CA GLU A 84 15.21 -17.06 -2.41
C GLU A 84 13.91 -16.32 -2.74
N ALA A 85 13.03 -16.97 -3.50
CA ALA A 85 11.77 -16.34 -3.94
C ALA A 85 10.87 -15.99 -2.77
N GLU A 86 10.85 -16.85 -1.75
CA GLU A 86 10.07 -16.60 -0.54
C GLU A 86 10.51 -15.36 0.26
N ASP A 87 11.69 -14.81 -0.08
CA ASP A 87 12.28 -13.68 0.65
C ASP A 87 11.80 -12.31 0.15
N LEU A 88 11.12 -12.30 -1.00
CA LEU A 88 10.73 -11.05 -1.65
C LEU A 88 9.59 -10.42 -0.88
N GLY A 89 9.66 -9.12 -0.68
CA GLY A 89 8.63 -8.41 0.08
C GLY A 89 9.26 -7.17 0.67
N VAL A 90 8.68 -6.63 1.73
CA VAL A 90 9.18 -5.36 2.24
C VAL A 90 9.85 -5.57 3.61
N TYR A 91 11.12 -5.16 3.71
CA TYR A 91 11.93 -5.29 4.94
C TYR A 91 11.91 -3.97 5.69
N TYR A 92 11.63 -4.02 6.99
CA TYR A 92 11.68 -2.83 7.86
C TYR A 92 12.70 -3.07 8.94
N CYS A 93 13.51 -2.06 9.22
CA CYS A 93 14.25 -2.04 10.47
C CYS A 93 13.38 -1.30 11.50
N PHE A 94 13.70 -1.50 12.77
CA PHE A 94 12.87 -1.01 13.86
C PHE A 94 13.76 -0.81 15.08
N GLN A 95 13.54 0.27 15.83
CA GLN A 95 14.23 0.45 17.09
C GLN A 95 13.20 0.48 18.19
N GLY A 96 13.45 -0.30 19.23
CA GLY A 96 12.56 -0.41 20.38
C GLY A 96 13.13 0.19 21.65
N SER A 97 14.13 1.07 21.50
CA SER A 97 14.86 1.66 22.64
C SER A 97 14.29 2.97 23.16
N HIS A 98 13.79 3.81 22.26
CA HIS A 98 13.34 5.16 22.61
C HIS A 98 11.89 5.32 22.25
N VAL A 99 11.15 6.10 23.04
CA VAL A 99 9.75 6.43 22.74
C VAL A 99 9.69 7.73 21.90
N PRO A 100 8.97 7.72 20.75
CA PRO A 100 8.16 6.60 20.25
C PRO A 100 9.01 5.52 19.58
N LEU A 101 8.61 4.26 19.77
CA LEU A 101 9.19 3.17 18.97
C LEU A 101 9.01 3.54 17.50
N THR A 102 10.04 3.32 16.69
CA THR A 102 9.98 3.71 15.26
C THR A 102 10.54 2.67 14.26
N PHE A 103 9.86 2.55 13.12
CA PHE A 103 10.27 1.72 11.97
C PHE A 103 10.96 2.57 10.86
N GLY A 104 11.82 1.95 10.06
CA GLY A 104 12.33 2.57 8.82
C GLY A 104 11.18 2.60 7.84
N ALA A 105 11.34 3.25 6.69
CA ALA A 105 10.23 3.46 5.76
C ALA A 105 9.88 2.17 4.99
N GLY A 106 10.80 1.20 4.98
CA GLY A 106 10.61 -0.03 4.23
C GLY A 106 11.54 -0.10 3.04
N THR A 107 12.13 -1.26 2.82
CA THR A 107 12.97 -1.52 1.66
C THR A 107 12.27 -2.66 0.95
N LYS A 108 11.88 -2.44 -0.30
CA LYS A 108 11.20 -3.48 -1.09
C LYS A 108 12.25 -4.32 -1.80
N LEU A 109 12.31 -5.62 -1.49
CA LEU A 109 13.18 -6.53 -2.22
C LEU A 109 12.40 -6.93 -3.44
N GLU A 110 12.90 -6.56 -4.61
CA GLU A 110 12.20 -6.86 -5.86
C GLU A 110 13.11 -7.58 -6.85
N LEU A 111 12.51 -8.12 -7.91
CA LEU A 111 13.26 -8.88 -8.90
C LEU A 111 13.79 -8.06 -10.06
N LYS A 112 15.02 -8.37 -10.43
CA LYS A 112 15.68 -7.71 -11.54
C LYS A 112 15.22 -8.36 -12.82
N ARG A 113 15.02 -7.54 -13.85
CA ARG A 113 14.79 -8.02 -15.20
C ARG A 113 15.35 -6.98 -16.17
N ALA A 114 15.28 -7.24 -17.47
CA ALA A 114 15.80 -6.27 -18.46
C ALA A 114 14.91 -5.02 -18.50
N ASP A 115 15.50 -3.88 -18.82
CA ASP A 115 14.74 -2.64 -19.00
C ASP A 115 13.63 -2.89 -20.01
N ALA A 116 12.52 -2.18 -19.84
CA ALA A 116 11.39 -2.31 -20.78
C ALA A 116 10.62 -1.01 -20.79
N ALA A 117 10.41 -0.48 -21.99
CA ALA A 117 9.77 0.81 -22.21
C ALA A 117 8.27 0.67 -21.98
N PRO A 118 7.63 1.68 -21.35
CA PRO A 118 6.18 1.58 -21.17
C PRO A 118 5.44 1.58 -22.48
N THR A 119 4.36 0.81 -22.60
CA THR A 119 3.37 1.03 -23.66
C THR A 119 2.31 2.02 -23.20
N VAL A 120 2.23 3.16 -23.89
CA VAL A 120 1.45 4.29 -23.42
C VAL A 120 0.21 4.49 -24.32
N SER A 121 -0.94 4.63 -23.67
CA SER A 121 -2.23 4.81 -24.35
C SER A 121 -2.97 5.92 -23.64
N ILE A 122 -3.59 6.85 -24.38
CA ILE A 122 -4.39 7.95 -23.80
C ILE A 122 -5.88 7.83 -24.22
N PHE A 123 -6.79 8.29 -23.36
CA PHE A 123 -8.24 8.14 -23.58
C PHE A 123 -9.03 9.38 -23.19
N PRO A 124 -9.90 9.86 -24.09
CA PRO A 124 -10.70 11.03 -23.74
C PRO A 124 -11.85 10.67 -22.80
N PRO A 125 -12.52 11.69 -22.24
CA PRO A 125 -13.73 11.44 -21.46
C PRO A 125 -14.76 10.80 -22.37
N SER A 126 -15.57 9.91 -21.82
CA SER A 126 -16.64 9.25 -22.58
C SER A 126 -17.80 10.19 -22.70
N SER A 127 -18.68 9.92 -23.65
CA SER A 127 -19.94 10.63 -23.78
C SER A 127 -20.74 10.51 -22.49
N GLU A 128 -20.75 9.29 -21.95
CA GLU A 128 -21.42 9.02 -20.67
C GLU A 128 -20.98 9.97 -19.54
N GLN A 129 -19.68 10.16 -19.38
CA GLN A 129 -19.22 11.09 -18.36
C GLN A 129 -19.58 12.53 -18.65
N LEU A 130 -19.40 12.94 -19.90
CA LEU A 130 -19.65 14.33 -20.29
C LEU A 130 -21.11 14.67 -20.07
N THR A 131 -22.00 13.74 -20.40
CA THR A 131 -23.42 13.86 -20.07
C THR A 131 -23.67 14.22 -18.58
N SER A 132 -22.63 14.18 -17.75
CA SER A 132 -22.83 14.36 -16.30
C SER A 132 -22.03 15.50 -15.65
N GLY A 133 -21.39 16.36 -16.44
CA GLY A 133 -20.64 17.49 -15.88
C GLY A 133 -19.21 17.19 -15.48
N GLY A 134 -18.76 15.97 -15.79
CA GLY A 134 -17.43 15.53 -15.43
C GLY A 134 -16.61 15.20 -16.66
N ALA A 135 -15.30 15.32 -16.54
CA ALA A 135 -14.42 15.00 -17.65
C ALA A 135 -13.12 14.51 -17.11
N SER A 136 -12.87 13.21 -17.32
CA SER A 136 -11.64 12.58 -16.91
C SER A 136 -10.88 12.11 -18.14
N VAL A 137 -9.57 12.27 -18.08
CA VAL A 137 -8.69 11.84 -19.15
C VAL A 137 -7.73 10.84 -18.53
N VAL A 138 -7.57 9.71 -19.21
CA VAL A 138 -6.83 8.58 -18.66
C VAL A 138 -5.65 8.22 -19.53
N CYS A 139 -4.56 7.83 -18.88
CA CYS A 139 -3.37 7.42 -19.55
C CYS A 139 -2.86 6.18 -18.84
N PHE A 140 -2.70 5.10 -19.59
CA PHE A 140 -2.09 3.88 -19.07
C PHE A 140 -0.65 3.78 -19.55
N LEU A 141 0.26 3.44 -18.65
CA LEU A 141 1.66 3.26 -18.98
C LEU A 141 1.98 1.82 -18.51
N ASN A 142 2.08 0.91 -19.47
CA ASN A 142 1.98 -0.52 -19.16
C ASN A 142 3.25 -1.29 -19.42
N ASN A 143 3.53 -2.24 -18.53
CA ASN A 143 4.65 -3.18 -18.67
C ASN A 143 6.00 -2.51 -18.83
N PHE A 144 6.38 -1.66 -17.87
CA PHE A 144 7.69 -1.07 -17.93
C PHE A 144 8.66 -1.54 -16.83
N TYR A 145 9.95 -1.32 -17.05
CA TYR A 145 11.00 -1.64 -16.06
C TYR A 145 12.24 -0.81 -16.39
N PRO A 146 12.90 -0.23 -15.38
CA PRO A 146 12.63 -0.24 -13.94
C PRO A 146 11.45 0.63 -13.55
N LYS A 147 11.09 0.62 -12.27
CA LYS A 147 9.83 1.21 -11.86
C LYS A 147 9.77 2.73 -11.83
N ASP A 148 10.93 3.38 -11.82
CA ASP A 148 10.97 4.84 -11.76
C ASP A 148 10.50 5.46 -13.07
N ILE A 149 9.51 6.35 -12.96
CA ILE A 149 8.87 6.95 -14.12
C ILE A 149 8.19 8.25 -13.72
N ASN A 150 8.30 9.27 -14.56
CA ASN A 150 7.55 10.51 -14.31
C ASN A 150 6.47 10.65 -15.36
N VAL A 151 5.28 11.02 -14.92
CA VAL A 151 4.19 11.27 -15.84
C VAL A 151 3.75 12.71 -15.67
N LYS A 152 3.71 13.43 -16.78
CA LYS A 152 3.25 14.83 -16.82
C LYS A 152 2.03 14.91 -17.73
N TRP A 153 1.01 15.67 -17.30
CA TRP A 153 -0.14 16.03 -18.13
C TRP A 153 0.06 17.43 -18.70
N LYS A 154 -0.26 17.58 -19.99
CA LYS A 154 -0.18 18.89 -20.62
C LYS A 154 -1.48 19.19 -21.33
N ILE A 155 -2.00 20.39 -21.11
CA ILE A 155 -3.20 20.87 -21.77
C ILE A 155 -2.85 22.14 -22.53
N ASP A 156 -3.02 22.14 -23.84
CA ASP A 156 -2.66 23.30 -24.67
C ASP A 156 -1.29 23.87 -24.22
N GLY A 157 -0.27 23.03 -24.13
CA GLY A 157 1.03 23.48 -23.62
C GLY A 157 1.18 23.61 -22.11
N SER A 158 0.14 24.11 -21.43
CA SER A 158 0.22 24.27 -19.98
C SER A 158 0.46 22.91 -19.30
N GLU A 159 1.17 22.93 -18.18
CA GLU A 159 1.42 21.71 -17.43
C GLU A 159 0.39 21.63 -16.35
N ARG A 160 -0.27 20.49 -16.23
CA ARG A 160 -1.31 20.37 -15.22
C ARG A 160 -0.85 19.58 -14.01
N GLN A 161 -0.81 20.29 -12.88
CA GLN A 161 -0.37 19.75 -11.62
C GLN A 161 -1.56 19.31 -10.75
N ASN A 162 -2.65 20.07 -10.78
CA ASN A 162 -3.83 19.74 -9.97
C ASN A 162 -4.76 18.71 -10.63
N GLY A 163 -5.39 17.85 -9.81
CA GLY A 163 -6.46 16.96 -10.29
C GLY A 163 -6.05 15.63 -10.88
N VAL A 164 -4.81 15.22 -10.61
CA VAL A 164 -4.25 13.98 -11.15
C VAL A 164 -4.27 12.90 -10.08
N LEU A 165 -4.86 11.76 -10.41
CA LEU A 165 -4.86 10.60 -9.54
C LEU A 165 -4.04 9.48 -10.19
N ASN A 166 -3.08 8.95 -9.45
CA ASN A 166 -2.16 7.93 -9.97
C ASN A 166 -2.32 6.62 -9.21
N SER A 167 -2.15 5.50 -9.90
CA SER A 167 -2.23 4.18 -9.27
C SER A 167 -1.22 3.26 -9.92
N TRP A 168 -0.54 2.43 -9.12
CA TRP A 168 0.51 1.53 -9.61
C TRP A 168 0.18 0.08 -9.32
N THR A 169 0.50 -0.82 -10.25
CA THR A 169 0.39 -2.24 -9.92
C THR A 169 1.72 -2.69 -9.29
N ASP A 170 1.68 -3.68 -8.41
CA ASP A 170 2.90 -4.28 -7.91
C ASP A 170 3.59 -5.05 -9.03
N GLN A 171 4.86 -5.40 -8.87
CA GLN A 171 5.63 -6.10 -9.91
C GLN A 171 4.91 -7.38 -10.32
N ASP A 172 4.84 -7.59 -11.63
CA ASP A 172 4.08 -8.70 -12.21
C ASP A 172 4.83 -10.00 -11.90
N SER A 173 4.12 -11.01 -11.43
CA SER A 173 4.79 -12.25 -11.04
C SER A 173 5.35 -13.00 -12.24
N LYS A 174 4.78 -12.75 -13.41
CA LYS A 174 5.17 -13.48 -14.60
C LYS A 174 6.23 -12.84 -15.48
N ASP A 175 6.18 -11.53 -15.66
CA ASP A 175 7.14 -10.84 -16.52
C ASP A 175 7.99 -9.81 -15.78
N SER A 176 7.68 -9.61 -14.49
CA SER A 176 8.47 -8.76 -13.61
C SER A 176 8.41 -7.25 -13.95
N THR A 177 7.41 -6.85 -14.74
CA THR A 177 7.24 -5.41 -15.08
C THR A 177 6.28 -4.71 -14.12
N TYR A 178 6.22 -3.39 -14.23
CA TYR A 178 5.25 -2.58 -13.51
C TYR A 178 4.33 -1.90 -14.52
N SER A 179 3.14 -1.53 -14.07
CA SER A 179 2.23 -0.71 -14.87
C SER A 179 1.67 0.42 -14.01
N MET A 180 1.15 1.45 -14.67
CA MET A 180 0.67 2.63 -14.00
C MET A 180 -0.49 3.23 -14.79
N SER A 181 -1.49 3.69 -14.07
CA SER A 181 -2.64 4.41 -14.58
C SER A 181 -2.57 5.83 -14.02
N SER A 182 -2.78 6.84 -14.86
CA SER A 182 -2.91 8.23 -14.43
C SER A 182 -4.22 8.81 -14.97
N THR A 183 -5.04 9.38 -14.10
CA THR A 183 -6.30 10.02 -14.52
C THR A 183 -6.27 11.53 -14.22
N LEU A 184 -6.51 12.35 -15.24
CA LEU A 184 -6.70 13.78 -15.04
C LEU A 184 -8.19 14.12 -15.10
N THR A 185 -8.70 14.65 -13.99
CA THR A 185 -10.12 14.95 -13.85
C THR A 185 -10.34 16.45 -13.84
N LEU A 186 -11.20 16.88 -14.74
CA LEU A 186 -11.50 18.30 -14.96
C LEU A 186 -13.01 18.46 -14.93
N THR A 187 -13.47 19.70 -14.78
CA THR A 187 -14.87 20.02 -14.99
C THR A 187 -15.12 19.89 -16.49
N LYS A 188 -16.34 19.57 -16.89
CA LYS A 188 -16.68 19.52 -18.30
C LYS A 188 -16.42 20.89 -18.95
N ASP A 189 -16.76 21.94 -18.20
CA ASP A 189 -16.50 23.31 -18.61
C ASP A 189 -15.04 23.51 -19.02
N GLU A 190 -14.11 23.07 -18.16
CA GLU A 190 -12.70 23.27 -18.44
C GLU A 190 -12.24 22.38 -19.58
N TYR A 191 -12.83 21.18 -19.67
CA TYR A 191 -12.50 20.28 -20.77
C TYR A 191 -12.85 20.91 -22.13
N GLU A 192 -14.00 21.56 -22.20
CA GLU A 192 -14.53 22.17 -23.43
C GLU A 192 -13.87 23.53 -23.74
N ARG A 193 -13.08 24.01 -22.80
CA ARG A 193 -12.37 25.26 -22.94
C ARG A 193 -10.97 25.06 -23.52
N HIS A 194 -10.55 23.80 -23.63
CA HIS A 194 -9.21 23.48 -24.13
C HIS A 194 -9.28 22.35 -25.14
N ASN A 195 -8.27 22.23 -25.98
CA ASN A 195 -8.37 21.26 -27.07
C ASN A 195 -7.32 20.15 -27.14
N SER A 196 -6.11 20.46 -26.72
CA SER A 196 -5.00 19.54 -26.88
C SER A 196 -4.64 18.88 -25.55
N TYR A 197 -4.75 17.55 -25.49
CA TYR A 197 -4.49 16.80 -24.25
C TYR A 197 -3.36 15.83 -24.45
N THR A 198 -2.34 15.95 -23.60
CA THR A 198 -1.12 15.16 -23.72
C THR A 198 -0.73 14.50 -22.39
N CYS A 199 -0.48 13.19 -22.48
CA CYS A 199 0.13 12.41 -21.40
C CYS A 199 1.60 12.21 -21.81
N GLU A 200 2.53 12.67 -20.96
CA GLU A 200 3.96 12.68 -21.28
C GLU A 200 4.73 11.90 -20.21
N ALA A 201 5.42 10.85 -20.64
CA ALA A 201 6.14 9.98 -19.71
C ALA A 201 7.64 9.97 -19.97
N THR A 202 8.40 10.19 -18.89
CA THR A 202 9.86 10.13 -18.95
C THR A 202 10.34 8.88 -18.23
N HIS A 203 11.13 8.07 -18.93
CA HIS A 203 11.60 6.80 -18.38
C HIS A 203 13.05 6.57 -18.83
N LYS A 204 13.79 5.74 -18.09
CA LYS A 204 15.19 5.39 -18.38
C LYS A 204 15.43 4.84 -19.80
N THR A 205 14.41 4.19 -20.36
CA THR A 205 14.50 3.56 -21.68
C THR A 205 14.48 4.52 -22.90
N SER A 206 14.14 5.79 -22.68
CA SER A 206 14.17 6.77 -23.76
C SER A 206 14.81 8.08 -23.33
N THR A 207 15.66 8.63 -24.19
CA THR A 207 16.27 9.94 -23.93
C THR A 207 15.19 11.01 -24.02
N SER A 208 14.25 10.82 -24.94
CA SER A 208 13.14 11.72 -25.20
C SER A 208 11.84 11.17 -24.63
N PRO A 209 10.98 12.04 -24.08
CA PRO A 209 9.70 11.60 -23.50
C PRO A 209 8.82 10.89 -24.51
N ILE A 210 8.03 9.93 -24.02
CA ILE A 210 6.99 9.28 -24.81
C ILE A 210 5.76 10.16 -24.67
N VAL A 211 5.22 10.58 -25.81
CA VAL A 211 4.16 11.58 -25.84
C VAL A 211 2.95 10.98 -26.53
N LYS A 212 1.84 10.88 -25.81
CA LYS A 212 0.58 10.47 -26.41
C LYS A 212 -0.45 11.57 -26.21
N SER A 213 -1.11 11.95 -27.30
CA SER A 213 -1.95 13.15 -27.30
C SER A 213 -3.23 12.94 -28.08
N PHE A 214 -4.21 13.81 -27.86
CA PHE A 214 -5.37 13.89 -28.75
C PHE A 214 -5.94 15.29 -28.69
N ASN A 215 -6.70 15.66 -29.71
CA ASN A 215 -7.42 16.94 -29.75
C ASN A 215 -8.92 16.72 -29.56
N ARG A 216 -9.48 17.39 -28.56
CA ARG A 216 -10.88 17.18 -28.22
C ARG A 216 -11.79 17.31 -29.44
N ASN A 217 -11.55 18.34 -30.26
CA ASN A 217 -12.49 18.68 -31.33
C ASN A 217 -12.57 17.62 -32.43
N GLU A 218 -11.55 16.76 -32.50
CA GLU A 218 -11.50 15.67 -33.48
C GLU A 218 -12.17 14.39 -33.00
N YCM A 219 -12.53 14.35 -31.70
CA YCM A 219 -13.16 13.17 -31.08
CB YCM A 219 -13.19 13.28 -29.54
SG YCM A 219 -11.58 13.14 -28.80
CD YCM A 219 -10.85 11.63 -29.37
CE YCM A 219 -9.84 11.84 -30.45
OZ1 YCM A 219 -9.40 12.94 -30.77
NZ2 YCM A 219 -9.44 10.74 -31.07
C YCM A 219 -14.55 12.98 -31.63
O YCM A 219 -15.53 13.59 -31.22
OXT YCM A 219 -14.76 12.16 -32.53
N ALA B 1 -0.08 -22.34 23.15
CA ALA B 1 -0.28 -21.84 21.75
C ALA B 1 -0.81 -20.39 21.75
N VAL B 2 0.06 -19.47 21.32
CA VAL B 2 -0.23 -18.04 21.36
C VAL B 2 -1.10 -17.66 20.15
N THR B 3 -2.20 -16.96 20.43
CA THR B 3 -3.02 -16.36 19.37
C THR B 3 -3.35 -14.91 19.74
N LEU B 4 -3.55 -14.10 18.70
CA LEU B 4 -3.93 -12.70 18.83
C LEU B 4 -4.97 -12.41 17.76
N LYS B 5 -6.15 -11.97 18.18
CA LYS B 5 -7.24 -11.68 17.24
C LYS B 5 -7.79 -10.29 17.49
N GLU B 6 -7.74 -9.44 16.47
CA GLU B 6 -8.19 -8.06 16.61
C GLU B 6 -9.59 -7.96 16.05
N SER B 7 -10.37 -7.04 16.61
CA SER B 7 -11.67 -6.74 16.08
C SER B 7 -11.92 -5.24 16.17
N GLY B 8 -12.62 -4.73 15.16
CA GLY B 8 -12.94 -3.31 15.05
C GLY B 8 -14.21 -3.16 14.23
N PRO B 9 -14.61 -1.92 13.91
CA PRO B 9 -15.91 -1.62 13.27
C PRO B 9 -15.89 -1.67 11.74
N GLY B 10 -14.70 -1.83 11.17
CA GLY B 10 -14.54 -1.91 9.72
C GLY B 10 -14.57 -0.55 9.05
N ILE B 11 -15.68 0.16 9.23
CA ILE B 11 -15.88 1.50 8.70
C ILE B 11 -16.35 2.43 9.81
N LEU B 12 -15.88 3.68 9.74
CA LEU B 12 -16.20 4.75 10.71
C LEU B 12 -16.08 6.10 9.98
N LYS B 13 -16.73 7.15 10.50
CA LYS B 13 -16.72 8.49 9.86
C LYS B 13 -15.82 9.46 10.63
N PRO B 14 -15.22 10.46 9.93
CA PRO B 14 -14.32 11.41 10.62
C PRO B 14 -15.02 11.99 11.84
N SER B 15 -14.23 12.42 12.82
CA SER B 15 -14.70 12.87 14.14
C SER B 15 -15.20 11.74 15.07
N GLN B 16 -15.50 10.57 14.54
CA GLN B 16 -15.98 9.48 15.40
C GLN B 16 -14.87 8.81 16.24
N THR B 17 -15.27 8.01 17.22
CA THR B 17 -14.33 7.38 18.17
C THR B 17 -14.15 5.92 17.79
N LEU B 18 -12.94 5.57 17.32
CA LEU B 18 -12.57 4.17 17.06
C LEU B 18 -12.28 3.39 18.34
N SER B 19 -12.99 2.27 18.53
CA SER B 19 -12.70 1.32 19.62
C SER B 19 -12.23 -0.02 19.04
N LEU B 20 -11.00 -0.41 19.34
CA LEU B 20 -10.46 -1.69 18.88
C LEU B 20 -10.27 -2.65 20.03
N THR B 21 -10.41 -3.93 19.76
CA THR B 21 -10.26 -4.98 20.75
C THR B 21 -9.28 -6.03 20.26
N CYS B 22 -8.38 -6.45 21.15
CA CYS B 22 -7.51 -7.58 20.88
C CYS B 22 -7.84 -8.65 21.92
N SER B 23 -8.23 -9.81 21.43
CA SER B 23 -8.52 -10.96 22.26
C SER B 23 -7.39 -11.97 22.03
N PHE B 24 -6.76 -12.43 23.11
CA PHE B 24 -5.59 -13.31 22.94
C PHE B 24 -5.71 -14.57 23.77
N SER B 25 -4.86 -15.55 23.47
CA SER B 25 -4.77 -16.76 24.30
C SER B 25 -3.36 -17.30 24.31
N GLY B 26 -3.08 -18.14 25.31
CA GLY B 26 -1.82 -18.85 25.42
C GLY B 26 -0.77 -18.05 26.15
N PHE B 27 -1.22 -17.04 26.89
CA PHE B 27 -0.37 -16.24 27.76
C PHE B 27 -1.25 -15.29 28.54
N SER B 28 -0.74 -14.84 29.68
CA SER B 28 -1.50 -13.95 30.53
C SER B 28 -0.86 -12.58 30.65
N LEU B 29 -1.70 -11.55 30.62
CA LEU B 29 -1.23 -10.19 30.78
C LEU B 29 -1.01 -9.87 32.27
N SER B 30 -1.45 -10.75 33.16
CA SER B 30 -1.09 -10.56 34.57
C SER B 30 0.31 -11.14 34.90
N THR B 31 0.86 -11.95 33.99
CA THR B 31 2.25 -12.44 34.11
C THR B 31 3.26 -11.28 34.21
N SER B 32 4.13 -11.36 35.21
CA SER B 32 5.15 -10.36 35.45
C SER B 32 6.01 -10.17 34.20
N GLY B 33 6.05 -8.94 33.69
CA GLY B 33 6.88 -8.62 32.51
C GLY B 33 6.18 -8.61 31.16
N MET B 34 4.96 -9.13 31.10
CA MET B 34 4.16 -9.18 29.87
C MET B 34 3.57 -7.81 29.48
N GLY B 35 3.52 -7.56 28.16
CA GLY B 35 2.85 -6.40 27.61
C GLY B 35 2.22 -6.70 26.25
N VAL B 36 1.23 -5.89 25.90
CA VAL B 36 0.56 -5.99 24.58
C VAL B 36 0.31 -4.59 24.02
N GLY B 37 0.49 -4.45 22.71
CA GLY B 37 0.38 -3.13 22.08
C GLY B 37 -0.24 -3.16 20.72
N TRP B 38 -0.23 -2.00 20.07
CA TRP B 38 -0.86 -1.84 18.77
C TRP B 38 0.08 -1.11 17.85
N ILE B 39 0.11 -1.59 16.62
CA ILE B 39 0.85 -0.96 15.53
C ILE B 39 -0.14 -0.86 14.37
N ARG B 40 0.02 0.14 13.51
CA ARG B 40 -0.89 0.26 12.36
C ARG B 40 -0.10 0.55 11.09
N GLN B 41 -0.73 0.24 9.95
CA GLN B 41 -0.17 0.44 8.64
C GLN B 41 -1.27 1.02 7.74
N PRO B 42 -1.14 2.30 7.38
CA PRO B 42 -2.07 2.86 6.39
C PRO B 42 -1.82 2.16 5.08
N SER B 43 -2.86 1.56 4.49
CA SER B 43 -2.71 0.68 3.32
C SER B 43 -1.71 1.24 2.30
N GLY B 44 -0.85 0.36 1.77
CA GLY B 44 0.22 0.77 0.87
C GLY B 44 1.30 1.68 1.44
N LYS B 45 1.28 1.91 2.77
CA LYS B 45 2.32 2.70 3.45
C LYS B 45 3.11 1.84 4.44
N GLY B 46 3.83 2.48 5.37
CA GLY B 46 4.70 1.75 6.32
C GLY B 46 4.06 1.56 7.67
N LEU B 47 4.86 1.20 8.67
CA LEU B 47 4.34 0.80 9.99
C LEU B 47 4.52 1.88 11.04
N GLU B 48 3.49 2.07 11.87
CA GLU B 48 3.50 3.13 12.88
C GLU B 48 3.08 2.55 14.23
N TRP B 49 3.98 2.60 15.20
CA TRP B 49 3.65 2.16 16.55
C TRP B 49 2.68 3.14 17.19
N LEU B 50 1.70 2.62 17.92
CA LEU B 50 0.68 3.46 18.56
C LEU B 50 0.77 3.50 20.09
N ALA B 51 0.70 2.33 20.70
CA ALA B 51 0.66 2.24 22.17
C ALA B 51 1.05 0.85 22.63
N HIS B 52 1.52 0.78 23.88
CA HIS B 52 1.79 -0.49 24.56
C HIS B 52 1.25 -0.39 25.98
N ILE B 53 0.79 -1.52 26.52
CA ILE B 53 0.35 -1.59 27.92
C ILE B 53 0.97 -2.80 28.61
N TRP B 54 1.40 -2.58 29.86
CA TRP B 54 2.12 -3.60 30.62
C TRP B 54 1.24 -4.31 31.65
N TRP B 55 1.70 -5.49 32.04
CA TRP B 55 1.07 -6.26 33.12
C TRP B 55 0.68 -5.44 34.34
N ASP B 56 1.47 -4.40 34.62
CA ASP B 56 1.31 -3.63 35.86
C ASP B 56 0.65 -2.26 35.63
N ASP B 57 -0.13 -2.15 34.54
CA ASP B 57 -0.98 -0.98 34.24
C ASP B 57 -0.23 0.23 33.68
N ASP B 58 1.08 0.10 33.58
CA ASP B 58 1.92 1.13 32.98
C ASP B 58 1.69 1.14 31.48
N ARG B 59 1.71 2.32 30.89
CA ARG B 59 1.39 2.49 29.47
C ARG B 59 2.35 3.43 28.76
N SER B 60 2.48 3.21 27.46
CA SER B 60 3.38 3.97 26.62
C SER B 60 2.61 4.32 25.36
N TYR B 61 2.72 5.59 24.94
CA TYR B 61 2.00 6.10 23.77
C TYR B 61 2.96 6.78 22.82
N ASN B 62 2.55 6.80 21.54
CA ASN B 62 3.19 7.62 20.53
C ASN B 62 2.74 9.06 20.82
N PRO B 63 3.70 9.98 21.08
CA PRO B 63 3.40 11.38 21.40
C PRO B 63 2.60 12.16 20.35
N SER B 64 2.78 11.85 19.07
CA SER B 64 2.00 12.51 18.01
C SER B 64 0.49 12.35 18.20
N LEU B 65 0.09 11.25 18.83
CA LEU B 65 -1.31 10.86 18.96
C LEU B 65 -1.78 10.82 20.40
N LYS B 66 -0.89 11.19 21.34
CA LYS B 66 -1.18 11.18 22.79
C LYS B 66 -2.60 11.66 23.16
N SER B 67 -3.02 12.79 22.61
CA SER B 67 -4.32 13.38 22.94
C SER B 67 -5.49 12.54 22.39
N GLN B 68 -5.21 11.67 21.42
CA GLN B 68 -6.24 10.85 20.80
C GLN B 68 -6.28 9.41 21.28
N LEU B 69 -5.24 8.98 22.00
CA LEU B 69 -5.08 7.56 22.35
C LEU B 69 -5.42 7.21 23.79
N THR B 70 -6.05 6.06 23.97
CA THR B 70 -6.19 5.40 25.25
C THR B 70 -6.07 3.91 25.05
N ILE B 71 -5.06 3.34 25.69
CA ILE B 71 -4.92 1.89 25.74
C ILE B 71 -5.36 1.37 27.12
N SER B 72 -6.07 0.24 27.12
CA SER B 72 -6.54 -0.36 28.37
C SER B 72 -6.60 -1.86 28.22
N LYS B 73 -6.92 -2.54 29.32
CA LYS B 73 -6.97 -3.99 29.30
C LYS B 73 -8.00 -4.57 30.25
N ASP B 74 -8.42 -5.80 29.92
CA ASP B 74 -9.13 -6.65 30.86
C ASP B 74 -8.36 -7.97 30.86
N ALA B 75 -7.43 -8.08 31.79
CA ALA B 75 -6.53 -9.23 31.89
C ALA B 75 -7.24 -10.55 32.17
N ALA B 76 -8.34 -10.50 32.93
CA ALA B 76 -9.10 -11.69 33.28
C ALA B 76 -9.76 -12.30 32.04
N ARG B 77 -10.24 -11.43 31.15
CA ARG B 77 -10.88 -11.83 29.89
C ARG B 77 -9.92 -12.02 28.74
N ASN B 78 -8.63 -11.75 28.98
CA ASN B 78 -7.62 -11.84 27.93
C ASN B 78 -7.86 -10.85 26.78
N GLN B 79 -8.10 -9.59 27.13
CA GLN B 79 -8.43 -8.57 26.16
C GLN B 79 -7.62 -7.29 26.41
N VAL B 80 -7.16 -6.68 25.32
CA VAL B 80 -6.57 -5.32 25.37
C VAL B 80 -7.40 -4.46 24.40
N PHE B 81 -7.61 -3.19 24.77
CA PHE B 81 -8.41 -2.27 23.97
C PHE B 81 -7.62 -1.04 23.62
N LEU B 82 -7.92 -0.45 22.47
CA LEU B 82 -7.36 0.83 22.11
C LEU B 82 -8.54 1.71 21.73
N ARG B 83 -8.50 2.97 22.18
CA ARG B 83 -9.51 3.95 21.80
C ARG B 83 -8.83 5.12 21.10
N ILE B 84 -9.39 5.53 19.97
CA ILE B 84 -8.88 6.66 19.22
C ILE B 84 -10.03 7.62 18.93
N THR B 85 -9.97 8.79 19.56
CA THR B 85 -11.04 9.79 19.44
C THR B 85 -10.71 10.70 18.27
N SER B 86 -11.73 11.35 17.72
CA SER B 86 -11.60 12.33 16.63
C SER B 86 -10.83 11.80 15.43
N VAL B 87 -11.21 10.62 14.94
CA VAL B 87 -10.49 10.02 13.82
C VAL B 87 -10.70 10.83 12.54
N ASP B 88 -9.79 10.64 11.58
CA ASP B 88 -9.89 11.30 10.28
C ASP B 88 -9.40 10.35 9.18
N THR B 89 -9.63 10.69 7.92
CA THR B 89 -9.24 9.80 6.81
C THR B 89 -7.78 9.32 6.94
N ALA B 90 -6.94 10.15 7.57
CA ALA B 90 -5.55 9.82 7.84
C ALA B 90 -5.37 8.60 8.76
N ASP B 91 -6.40 8.26 9.53
CA ASP B 91 -6.37 7.08 10.40
C ASP B 91 -6.85 5.78 9.73
N THR B 92 -7.13 5.86 8.42
CA THR B 92 -7.44 4.67 7.64
C THR B 92 -6.21 3.78 7.62
N ALA B 93 -6.36 2.54 8.09
CA ALA B 93 -5.21 1.62 8.26
C ALA B 93 -5.61 0.20 8.64
N THR B 94 -4.66 -0.72 8.50
CA THR B 94 -4.79 -2.01 9.17
C THR B 94 -4.18 -1.83 10.55
N TYR B 95 -4.93 -2.20 11.56
CA TYR B 95 -4.47 -2.13 12.94
C TYR B 95 -4.09 -3.50 13.47
N TYR B 96 -2.83 -3.65 13.92
CA TYR B 96 -2.33 -4.94 14.42
C TYR B 96 -2.16 -4.94 15.94
N CYS B 97 -2.56 -6.05 16.55
CA CYS B 97 -2.27 -6.29 17.95
C CYS B 97 -0.99 -7.13 18.02
N VAL B 98 -0.07 -6.72 18.88
CA VAL B 98 1.24 -7.35 18.98
C VAL B 98 1.55 -7.64 20.43
N ARG B 99 2.26 -8.72 20.67
CA ARG B 99 2.75 -9.00 22.02
C ARG B 99 4.21 -8.53 22.15
N ARG B 100 4.56 -7.98 23.31
CA ARG B 100 5.94 -7.61 23.59
C ARG B 100 6.15 -7.53 25.10
N ALA B 101 7.08 -8.33 25.60
CA ALA B 101 7.43 -8.34 27.02
C ALA B 101 8.63 -7.41 27.28
N HIS B 102 8.75 -6.91 28.51
CA HIS B 102 9.88 -6.06 28.89
C HIS B 102 10.99 -6.84 29.61
N THR B 103 10.93 -8.16 29.52
CA THR B 103 11.94 -9.04 30.11
C THR B 103 12.39 -10.00 29.02
N THR B 104 13.67 -10.34 29.05
CA THR B 104 14.29 -11.14 27.99
C THR B 104 13.69 -12.54 27.84
N VAL B 105 13.32 -13.15 28.97
CA VAL B 105 12.80 -14.52 29.00
C VAL B 105 11.43 -14.62 28.34
N LEU B 106 10.57 -13.64 28.63
CA LEU B 106 9.20 -13.60 28.11
C LEU B 106 9.11 -13.12 26.66
N GLY B 107 10.20 -12.55 26.15
CA GLY B 107 10.27 -12.15 24.73
C GLY B 107 10.17 -10.67 24.45
N ASP B 108 11.33 -10.02 24.39
CA ASP B 108 11.43 -8.59 24.17
C ASP B 108 11.59 -8.30 22.66
N TRP B 109 10.49 -8.46 21.94
CA TRP B 109 10.49 -8.39 20.48
C TRP B 109 9.03 -8.49 20.02
N PHE B 110 8.71 -8.03 18.82
CA PHE B 110 7.38 -8.28 18.26
C PHE B 110 7.39 -9.61 17.48
N ALA B 111 7.39 -10.74 18.19
CA ALA B 111 7.33 -12.04 17.53
C ALA B 111 5.90 -12.37 17.08
N TYR B 112 4.93 -12.13 17.96
CA TYR B 112 3.53 -12.46 17.70
C TYR B 112 2.71 -11.22 17.35
N TRP B 113 2.14 -11.26 16.14
CA TRP B 113 1.31 -10.20 15.57
C TRP B 113 -0.01 -10.84 15.17
N GLY B 114 -1.12 -10.14 15.40
CA GLY B 114 -2.38 -10.59 14.81
C GLY B 114 -2.35 -10.46 13.30
N GLN B 115 -3.43 -10.91 12.67
CA GLN B 115 -3.65 -10.80 11.23
C GLN B 115 -4.02 -9.37 10.88
N GLY B 116 -4.50 -8.60 11.86
CA GLY B 116 -4.82 -7.18 11.67
C GLY B 116 -6.29 -6.97 11.32
N THR B 117 -6.85 -5.85 11.79
CA THR B 117 -8.22 -5.45 11.44
C THR B 117 -8.18 -4.16 10.59
N LEU B 118 -8.83 -4.21 9.42
CA LEU B 118 -8.87 -3.05 8.53
C LEU B 118 -9.87 -2.01 9.02
N VAL B 119 -9.42 -0.76 9.12
CA VAL B 119 -10.28 0.36 9.49
C VAL B 119 -10.25 1.41 8.36
N THR B 120 -11.40 1.70 7.78
CA THR B 120 -11.51 2.78 6.80
C THR B 120 -12.32 3.94 7.41
N VAL B 121 -11.81 5.17 7.28
CA VAL B 121 -12.49 6.35 7.80
C VAL B 121 -12.86 7.21 6.59
N SER B 122 -14.15 7.41 6.38
CA SER B 122 -14.64 8.33 5.36
C SER B 122 -16.07 8.76 5.65
N ALA B 123 -16.39 9.98 5.23
CA ALA B 123 -17.71 10.60 5.40
C ALA B 123 -18.74 10.03 4.44
N ALA B 124 -18.30 9.15 3.54
CA ALA B 124 -19.12 8.70 2.43
C ALA B 124 -20.22 7.74 2.80
N LYS B 125 -21.36 7.95 2.16
CA LYS B 125 -22.48 7.04 2.20
C LYS B 125 -22.25 6.06 1.08
N THR B 126 -22.89 4.91 1.17
CA THR B 126 -22.84 3.97 0.06
C THR B 126 -23.16 4.77 -1.20
N THR B 127 -22.29 4.65 -2.20
CA THR B 127 -22.44 5.39 -3.44
C THR B 127 -22.06 4.42 -4.57
N ALA B 128 -22.97 4.21 -5.54
CA ALA B 128 -22.69 3.41 -6.74
C ALA B 128 -21.62 4.07 -7.65
N PRO B 129 -20.83 3.27 -8.39
CA PRO B 129 -19.89 3.91 -9.30
C PRO B 129 -20.57 4.40 -10.57
N SER B 130 -19.93 5.32 -11.26
CA SER B 130 -20.20 5.56 -12.66
C SER B 130 -19.18 4.72 -13.42
N VAL B 131 -19.63 4.06 -14.47
CA VAL B 131 -18.76 3.17 -15.24
C VAL B 131 -18.61 3.71 -16.66
N TYR B 132 -17.38 4.02 -17.03
CA TYR B 132 -17.15 4.71 -18.29
C TYR B 132 -16.29 3.89 -19.24
N PRO B 133 -16.75 3.71 -20.48
CA PRO B 133 -15.97 2.98 -21.48
C PRO B 133 -14.86 3.85 -22.03
N LEU B 134 -13.70 3.28 -22.32
CA LEU B 134 -12.57 4.06 -22.84
C LEU B 134 -12.11 3.49 -24.17
N ALA B 135 -12.45 4.18 -25.26
CA ALA B 135 -12.11 3.78 -26.63
C ALA B 135 -10.87 4.51 -27.13
N PRO B 136 -10.04 3.83 -27.95
CA PRO B 136 -8.85 4.46 -28.49
C PRO B 136 -9.14 5.75 -29.28
N VAL B 137 -8.16 6.66 -29.29
CA VAL B 137 -8.24 7.91 -30.03
C VAL B 137 -8.00 7.67 -31.52
N SER B 144 0.07 -3.39 -34.10
CA SER B 144 -0.40 -4.79 -34.04
C SER B 144 -1.40 -5.05 -32.90
N SER B 145 -1.26 -4.29 -31.81
CA SER B 145 -2.16 -4.43 -30.67
C SER B 145 -2.90 -3.13 -30.38
N VAL B 146 -4.11 -3.24 -29.84
CA VAL B 146 -4.93 -2.09 -29.47
C VAL B 146 -5.32 -2.22 -28.01
N THR B 147 -5.35 -1.08 -27.31
CA THR B 147 -5.65 -1.03 -25.88
C THR B 147 -6.97 -0.30 -25.66
N LEU B 148 -7.83 -0.96 -24.90
CA LEU B 148 -9.11 -0.43 -24.49
C LEU B 148 -9.05 -0.27 -22.99
N GLY B 149 -9.95 0.53 -22.45
CA GLY B 149 -9.97 0.80 -21.04
C GLY B 149 -11.36 0.91 -20.45
N CYS B 150 -11.40 0.93 -19.13
CA CYS B 150 -12.64 1.08 -18.41
C CYS B 150 -12.31 1.87 -17.15
N LEU B 151 -13.07 2.93 -16.89
CA LEU B 151 -12.87 3.78 -15.72
C LEU B 151 -14.11 3.65 -14.82
N VAL B 152 -13.89 3.23 -13.58
CA VAL B 152 -14.98 3.01 -12.61
C VAL B 152 -14.81 4.10 -11.55
N LYS B 153 -15.72 5.06 -11.55
CA LYS B 153 -15.49 6.35 -10.88
C LYS B 153 -16.50 6.70 -9.79
N GLY B 154 -16.01 7.07 -8.62
CA GLY B 154 -16.86 7.63 -7.55
C GLY B 154 -17.73 6.64 -6.78
N TYR B 155 -17.12 5.59 -6.25
CA TYR B 155 -17.88 4.59 -5.48
C TYR B 155 -17.44 4.46 -4.04
N PHE B 156 -18.36 4.01 -3.19
CA PHE B 156 -18.07 3.69 -1.80
C PHE B 156 -19.09 2.67 -1.31
N PRO B 157 -18.66 1.71 -0.49
CA PRO B 157 -17.29 1.37 -0.13
C PRO B 157 -16.66 0.41 -1.16
N GLU B 158 -15.43 -0.06 -0.88
CA GLU B 158 -14.81 -1.14 -1.65
C GLU B 158 -15.50 -2.47 -1.29
N PRO B 159 -15.39 -3.50 -2.16
CA PRO B 159 -14.69 -3.50 -3.43
C PRO B 159 -15.63 -3.34 -4.63
N VAL B 160 -15.03 -3.31 -5.83
CA VAL B 160 -15.77 -3.57 -7.07
C VAL B 160 -15.07 -4.74 -7.74
N THR B 161 -15.80 -5.49 -8.56
CA THR B 161 -15.14 -6.51 -9.36
C THR B 161 -15.26 -6.09 -10.81
N LEU B 162 -14.20 -6.32 -11.58
CA LEU B 162 -14.17 -5.88 -12.96
C LEU B 162 -13.62 -7.01 -13.78
N THR B 163 -14.39 -7.44 -14.78
CA THR B 163 -13.90 -8.39 -15.75
C THR B 163 -14.18 -7.84 -17.15
N TRP B 164 -13.52 -8.42 -18.15
CA TRP B 164 -13.71 -8.09 -19.56
C TRP B 164 -14.37 -9.30 -20.19
N ASN B 165 -15.41 -9.08 -20.99
CA ASN B 165 -16.23 -10.16 -21.56
C ASN B 165 -16.57 -11.25 -20.52
N SER B 166 -17.07 -10.82 -19.35
CA SER B 166 -17.53 -11.76 -18.31
C SER B 166 -16.42 -12.68 -17.76
N GLY B 167 -15.18 -12.29 -17.99
CA GLY B 167 -14.04 -13.10 -17.55
C GLY B 167 -13.40 -13.84 -18.69
N SER B 168 -14.09 -13.86 -19.84
CA SER B 168 -13.64 -14.55 -21.04
C SER B 168 -12.32 -14.02 -21.59
N LEU B 169 -12.07 -12.74 -21.34
CA LEU B 169 -10.87 -12.07 -21.82
C LEU B 169 -10.04 -11.77 -20.60
N SER B 170 -8.96 -12.52 -20.43
CA SER B 170 -8.24 -12.50 -19.17
C SER B 170 -6.75 -12.16 -19.34
N SER B 171 -6.20 -12.46 -20.51
CA SER B 171 -4.82 -12.08 -20.80
C SER B 171 -4.78 -10.64 -21.24
N GLY B 172 -3.69 -9.97 -20.91
CA GLY B 172 -3.46 -8.59 -21.32
C GLY B 172 -4.24 -7.55 -20.53
N VAL B 173 -4.81 -7.94 -19.40
CA VAL B 173 -5.56 -7.01 -18.57
C VAL B 173 -4.65 -6.42 -17.49
N HIS B 174 -4.82 -5.12 -17.20
CA HIS B 174 -4.19 -4.51 -16.04
C HIS B 174 -5.29 -3.77 -15.33
N THR B 175 -5.63 -4.28 -14.15
CA THR B 175 -6.65 -3.68 -13.33
C THR B 175 -5.92 -3.05 -12.16
N PHE B 176 -6.09 -1.75 -12.03
CA PHE B 176 -5.27 -0.96 -11.08
C PHE B 176 -5.93 -0.84 -9.70
N PRO B 177 -5.11 -0.88 -8.62
CA PRO B 177 -5.67 -0.72 -7.30
C PRO B 177 -6.47 0.57 -7.23
N ALA B 178 -7.57 0.58 -6.48
CA ALA B 178 -8.40 1.77 -6.36
C ALA B 178 -7.70 2.86 -5.55
N VAL B 179 -8.04 4.12 -5.82
CA VAL B 179 -7.55 5.28 -5.07
C VAL B 179 -8.70 6.24 -4.73
N LEU B 180 -8.45 7.21 -3.84
CA LEU B 180 -9.45 8.21 -3.39
C LEU B 180 -9.40 9.55 -4.16
N ASP B 183 -13.62 11.67 -1.01
CA ASP B 183 -13.98 10.58 -0.08
C ASP B 183 -14.49 9.29 -0.78
N LEU B 184 -14.31 9.23 -2.11
CA LEU B 184 -14.84 8.12 -2.90
C LEU B 184 -13.72 7.42 -3.65
N TYR B 185 -13.96 6.19 -4.09
CA TYR B 185 -12.93 5.46 -4.80
C TYR B 185 -13.06 5.60 -6.30
N THR B 186 -11.92 5.51 -6.97
CA THR B 186 -11.90 5.40 -8.40
C THR B 186 -10.92 4.30 -8.80
N LEU B 187 -11.31 3.51 -9.78
CA LEU B 187 -10.46 2.43 -10.26
C LEU B 187 -10.42 2.46 -11.80
N SER B 188 -9.37 1.89 -12.40
CA SER B 188 -9.32 1.73 -13.85
C SER B 188 -8.73 0.40 -14.28
N SER B 189 -9.10 -0.04 -15.47
CA SER B 189 -8.60 -1.28 -16.06
C SER B 189 -8.31 -1.08 -17.54
N SER B 190 -7.15 -1.54 -17.98
CA SER B 190 -6.83 -1.59 -19.40
C SER B 190 -6.86 -3.04 -19.91
N VAL B 191 -7.22 -3.23 -21.18
CA VAL B 191 -7.08 -4.53 -21.85
C VAL B 191 -6.46 -4.35 -23.25
N THR B 192 -5.48 -5.16 -23.57
CA THR B 192 -4.77 -5.06 -24.83
C THR B 192 -5.05 -6.31 -25.66
N VAL B 193 -5.56 -6.12 -26.88
CA VAL B 193 -5.87 -7.24 -27.77
C VAL B 193 -5.21 -7.03 -29.13
N THR B 194 -5.13 -8.09 -29.94
CA THR B 194 -4.67 -7.96 -31.33
C THR B 194 -5.58 -7.02 -32.11
N SER B 195 -5.00 -6.27 -33.05
CA SER B 195 -5.75 -5.28 -33.84
C SER B 195 -6.96 -5.83 -34.60
N SER B 196 -6.90 -7.09 -35.00
CA SER B 196 -7.97 -7.69 -35.77
C SER B 196 -9.15 -8.14 -34.92
N THR B 197 -8.94 -8.24 -33.61
CA THR B 197 -9.98 -8.62 -32.65
C THR B 197 -11.08 -7.57 -32.57
N TRP B 198 -10.66 -6.32 -32.36
CA TRP B 198 -11.58 -5.23 -32.08
C TRP B 198 -11.36 -4.14 -33.14
N PRO B 199 -12.45 -3.55 -33.66
CA PRO B 199 -13.83 -3.66 -33.21
C PRO B 199 -14.70 -4.74 -33.82
N SER B 200 -14.12 -5.70 -34.53
CA SER B 200 -14.93 -6.75 -35.17
C SER B 200 -15.70 -7.57 -34.13
N GLN B 201 -15.00 -8.03 -33.11
CA GLN B 201 -15.63 -8.72 -31.98
C GLN B 201 -15.87 -7.73 -30.88
N SER B 202 -16.97 -7.90 -30.15
CA SER B 202 -17.31 -6.95 -29.11
C SER B 202 -16.44 -7.21 -27.87
N ILE B 203 -16.05 -6.13 -27.21
CA ILE B 203 -15.36 -6.20 -25.93
C ILE B 203 -16.14 -5.32 -24.95
N THR B 204 -16.43 -5.91 -23.80
CA THR B 204 -17.28 -5.32 -22.78
C THR B 204 -16.60 -5.37 -21.41
N CYS B 205 -16.68 -4.24 -20.70
CA CYS B 205 -16.25 -4.11 -19.32
C CYS B 205 -17.44 -4.50 -18.43
N ASN B 206 -17.28 -5.49 -17.56
CA ASN B 206 -18.34 -5.86 -16.60
C ASN B 206 -17.95 -5.47 -15.20
N VAL B 207 -18.69 -4.55 -14.59
CA VAL B 207 -18.32 -3.98 -13.28
C VAL B 207 -19.41 -4.25 -12.25
N ALA B 208 -19.04 -4.81 -11.11
CA ALA B 208 -20.00 -5.00 -10.05
C ALA B 208 -19.59 -4.28 -8.80
N HIS B 209 -20.53 -3.55 -8.23
CA HIS B 209 -20.36 -2.97 -6.90
C HIS B 209 -21.44 -3.54 -5.97
N PRO B 210 -21.15 -4.68 -5.31
CA PRO B 210 -22.07 -5.34 -4.36
C PRO B 210 -22.76 -4.39 -3.39
N ALA B 211 -21.99 -3.53 -2.72
CA ALA B 211 -22.58 -2.68 -1.69
C ALA B 211 -23.81 -1.86 -2.14
N SER B 212 -23.82 -1.42 -3.39
CA SER B 212 -24.96 -0.65 -3.89
C SER B 212 -25.85 -1.46 -4.82
N SER B 213 -25.66 -2.77 -4.82
CA SER B 213 -26.38 -3.70 -5.72
C SER B 213 -26.24 -3.32 -7.20
N THR B 214 -25.08 -2.76 -7.55
CA THR B 214 -24.84 -2.27 -8.92
C THR B 214 -24.17 -3.34 -9.78
N LYS B 215 -24.67 -3.51 -11.00
CA LYS B 215 -24.01 -4.35 -11.99
C LYS B 215 -24.13 -3.69 -13.36
N VAL B 216 -23.01 -3.46 -14.02
CA VAL B 216 -23.03 -2.68 -15.26
C VAL B 216 -22.17 -3.38 -16.27
N ASP B 217 -22.70 -3.58 -17.47
CA ASP B 217 -21.92 -4.08 -18.57
C ASP B 217 -21.79 -2.96 -19.59
N LYS B 218 -20.57 -2.52 -19.82
CA LYS B 218 -20.34 -1.41 -20.69
C LYS B 218 -19.52 -1.83 -21.88
N LYS B 219 -20.16 -1.84 -23.05
CA LYS B 219 -19.53 -2.26 -24.30
C LYS B 219 -18.69 -1.11 -24.84
N ILE B 220 -17.49 -1.44 -25.31
CA ILE B 220 -16.55 -0.45 -25.83
C ILE B 220 -16.86 -0.24 -27.31
N GLU B 221 -17.42 0.92 -27.62
CA GLU B 221 -17.75 1.25 -29.01
C GLU B 221 -16.58 2.01 -29.66
N PRO B 222 -16.24 1.67 -30.92
CA PRO B 222 -15.26 2.54 -31.57
C PRO B 222 -15.90 3.91 -31.83
N ARG B 223 -15.09 4.96 -31.92
CA ARG B 223 -15.67 6.28 -32.17
C ARG B 223 -15.46 6.69 -33.63
N PCA C 1 14.21 5.03 26.98
CA PCA C 1 13.30 4.83 28.12
CB PCA C 1 13.28 6.11 28.95
CG PCA C 1 14.72 6.61 28.84
CD PCA C 1 15.24 5.81 27.65
OE PCA C 1 16.43 5.83 27.33
C PCA C 1 11.91 4.25 27.79
O PCA C 1 10.92 4.57 28.48
N PHE C 2 11.84 3.41 26.77
CA PHE C 2 10.78 2.40 26.67
C PHE C 2 11.19 1.30 27.64
N ARG C 3 10.21 0.57 28.17
CA ARG C 3 10.45 -0.37 29.26
C ARG C 3 11.21 -1.62 28.82
N HIS C 4 12.35 -1.85 29.48
CA HIS C 4 13.20 -3.01 29.26
C HIS C 4 14.04 -3.22 30.51
N ASP C 5 13.94 -4.41 31.12
CA ASP C 5 14.81 -4.76 32.23
C ASP C 5 16.21 -5.11 31.73
C1 GOL D . -6.20 1.30 32.66
O1 GOL D . -7.49 1.59 32.18
C2 GOL D . -5.70 -0.07 32.19
O2 GOL D . -6.71 -0.83 31.58
C3 GOL D . -5.04 -0.85 33.33
O3 GOL D . -5.63 -2.13 33.59
#